data_2Y6K
#
_entry.id   2Y6K
#
_cell.length_a   48.670
_cell.length_b   50.350
_cell.length_c   62.480
_cell.angle_alpha   90.00
_cell.angle_beta   90.00
_cell.angle_gamma   90.00
#
_symmetry.space_group_name_H-M   'P 21 21 21'
#
loop_
_entity.id
_entity.type
_entity.pdbx_description
1 polymer XYLANASE
2 branched beta-D-xylopyranose-(1-4)-beta-D-xylopyranose-(1-4)-beta-D-xylopyranose-(1-4)-beta-D-xylopyranose
3 non-polymer 'CALCIUM ION'
4 non-polymer 'CITRIC ACID'
5 water water
#
_entity_poly.entity_id   1
_entity_poly.type   'polypeptide(L)'
_entity_poly.pdbx_seq_one_letter_code
;MLVANINGGFESTPAGVVTDLAEGVEGWDLNVGSSVTNPPVFEVLETSDAPEGNKVLAVTVNGVGNNPFNIQATALPVNV
RPGVTYTYTIRARAEQDGAVVSFTVGNQSLDEYGRLHHQQITTEWQPFTFEFTVSDQETVIRAPIHFGYAANVGNTIYID
GLAIVDL
;
_entity_poly.pdbx_strand_id   A
#
# COMPACT_ATOMS: atom_id res chain seq x y z
N LEU A 2 -6.15 -9.38 -15.07
CA LEU A 2 -7.20 -9.47 -14.09
C LEU A 2 -6.62 -9.37 -12.67
N VAL A 3 -7.15 -8.45 -11.89
CA VAL A 3 -6.69 -8.27 -10.51
C VAL A 3 -7.92 -8.05 -9.62
N ALA A 4 -7.70 -8.35 -8.34
CA ALA A 4 -8.72 -8.25 -7.30
C ALA A 4 -8.96 -6.81 -6.83
N ASN A 5 -7.85 -6.02 -6.92
CA ASN A 5 -7.89 -4.67 -6.41
C ASN A 5 -8.19 -3.68 -7.52
N ILE A 6 -8.27 -2.42 -7.18
CA ILE A 6 -8.71 -1.35 -8.08
C ILE A 6 -7.68 -0.24 -8.06
N ASN A 7 -7.37 0.26 -9.25
CA ASN A 7 -6.41 1.38 -9.33
C ASN A 7 -5.09 1.04 -8.65
N GLY A 8 -4.60 -0.16 -8.92
CA GLY A 8 -3.38 -0.66 -8.26
C GLY A 8 -2.13 0.11 -8.60
N GLY A 9 -2.19 0.87 -9.70
CA GLY A 9 -1.03 1.64 -10.14
C GLY A 9 -1.27 3.13 -10.10
N PHE A 10 -2.34 3.58 -9.45
CA PHE A 10 -2.63 5.01 -9.27
C PHE A 10 -2.94 5.75 -10.56
N GLU A 11 -3.16 5.01 -11.64
CA GLU A 11 -3.36 5.68 -12.92
C GLU A 11 -4.68 6.44 -12.98
N SER A 12 -5.64 6.14 -12.15
CA SER A 12 -6.94 6.80 -12.11
CA SER A 12 -6.90 6.90 -12.28
C SER A 12 -6.90 8.19 -11.47
N THR A 13 -5.84 8.42 -10.70
CA THR A 13 -5.82 9.54 -9.80
C THR A 13 -5.04 10.73 -10.33
N PRO A 14 -5.62 11.91 -10.27
CA PRO A 14 -4.84 13.08 -10.72
C PRO A 14 -3.57 13.26 -9.90
N ALA A 15 -2.51 13.69 -10.59
CA ALA A 15 -1.27 14.00 -9.94
C ALA A 15 -1.48 15.10 -8.90
N GLY A 16 -0.76 15.01 -7.80
CA GLY A 16 -0.82 16.05 -6.79
C GLY A 16 -0.83 15.44 -5.40
N VAL A 17 -0.65 16.31 -4.41
CA VAL A 17 -0.77 15.88 -3.01
C VAL A 17 -2.20 15.43 -2.74
N VAL A 18 -2.28 14.34 -2.00
CA VAL A 18 -3.56 13.82 -1.58
C VAL A 18 -3.92 14.43 -0.23
N THR A 19 -5.04 15.14 -0.28
CA THR A 19 -5.50 15.77 0.97
C THR A 19 -6.72 15.02 1.49
N ASP A 20 -7.51 14.42 0.59
CA ASP A 20 -8.66 13.60 1.01
C ASP A 20 -8.13 12.17 1.15
N LEU A 21 -7.68 11.83 2.35
CA LEU A 21 -6.99 10.55 2.48
C LEU A 21 -7.92 9.34 2.35
N ALA A 22 -9.13 9.39 2.91
CA ALA A 22 -10.02 8.27 2.82
C ALA A 22 -10.62 8.03 1.45
N GLU A 23 -10.88 9.12 0.69
CA GLU A 23 -11.56 8.94 -0.58
CA GLU A 23 -11.54 8.93 -0.58
C GLU A 23 -10.87 9.61 -1.76
N GLY A 24 -9.73 10.27 -1.58
CA GLY A 24 -9.08 10.93 -2.70
C GLY A 24 -8.39 10.04 -3.72
N VAL A 25 -8.14 8.80 -3.38
CA VAL A 25 -7.49 7.87 -4.30
C VAL A 25 -8.42 6.67 -4.50
N GLU A 26 -9.00 6.57 -5.69
CA GLU A 26 -9.88 5.46 -6.00
C GLU A 26 -9.18 4.14 -5.72
N GLY A 27 -9.89 3.22 -5.06
CA GLY A 27 -9.38 1.92 -4.74
C GLY A 27 -8.53 1.83 -3.50
N TRP A 28 -8.33 2.88 -2.78
CA TRP A 28 -7.39 3.01 -1.68
C TRP A 28 -8.03 3.84 -0.56
N ASP A 29 -7.62 3.51 0.66
CA ASP A 29 -7.90 4.27 1.85
CA ASP A 29 -7.91 4.22 1.87
C ASP A 29 -6.56 4.59 2.51
N LEU A 30 -6.21 5.86 2.54
CA LEU A 30 -4.97 6.27 3.21
C LEU A 30 -5.35 6.75 4.62
N ASN A 31 -4.47 6.53 5.59
CA ASN A 31 -4.84 6.90 6.94
C ASN A 31 -3.57 7.26 7.71
N VAL A 32 -3.67 8.35 8.45
CA VAL A 32 -2.66 8.80 9.39
C VAL A 32 -3.31 8.91 10.76
N GLY A 33 -2.79 8.15 11.71
CA GLY A 33 -3.30 8.26 13.06
C GLY A 33 -2.82 9.50 13.78
N SER A 34 -3.57 9.85 14.82
CA SER A 34 -3.32 11.07 15.58
C SER A 34 -2.01 11.02 16.34
N SER A 35 -1.43 9.84 16.56
CA SER A 35 -0.16 9.78 17.26
CA SER A 35 -0.16 9.83 17.28
C SER A 35 1.03 10.26 16.42
N VAL A 36 0.80 10.36 15.13
CA VAL A 36 1.81 10.89 14.23
C VAL A 36 1.77 12.42 14.26
N THR A 37 2.64 12.97 15.07
CA THR A 37 2.68 14.41 15.36
C THR A 37 3.15 15.25 14.18
N ASN A 38 4.00 14.73 13.32
CA ASN A 38 4.47 15.40 12.10
C ASN A 38 3.93 14.59 10.92
N PRO A 39 2.82 14.97 10.32
CA PRO A 39 2.16 14.09 9.36
C PRO A 39 2.97 13.93 8.08
N PRO A 40 2.75 12.79 7.44
CA PRO A 40 3.43 12.49 6.18
C PRO A 40 2.75 13.25 5.04
N VAL A 41 3.39 13.25 3.89
CA VAL A 41 2.79 13.77 2.68
C VAL A 41 2.60 12.58 1.73
N PHE A 42 1.35 12.36 1.33
CA PHE A 42 0.98 11.43 0.29
C PHE A 42 0.81 12.21 -1.02
N GLU A 43 1.49 11.77 -2.07
CA GLU A 43 1.46 12.44 -3.36
CA GLU A 43 1.32 12.45 -3.36
C GLU A 43 1.35 11.43 -4.49
N VAL A 44 0.46 11.64 -5.44
CA VAL A 44 0.51 10.89 -6.70
C VAL A 44 1.38 11.68 -7.66
N LEU A 45 2.44 11.07 -8.17
CA LEU A 45 3.43 11.72 -8.97
C LEU A 45 3.36 11.16 -10.37
N GLU A 46 3.37 12.07 -11.33
CA GLU A 46 3.55 11.65 -12.72
C GLU A 46 5.05 11.68 -13.00
N THR A 47 5.57 10.51 -13.40
CA THR A 47 7.01 10.44 -13.56
C THR A 47 7.38 9.35 -14.55
N SER A 48 8.45 9.61 -15.27
CA SER A 48 8.82 8.58 -16.26
C SER A 48 9.50 7.40 -15.55
N ASP A 49 9.77 7.54 -14.28
CA ASP A 49 10.29 6.50 -13.40
C ASP A 49 9.26 5.41 -13.12
N ALA A 50 7.99 5.65 -13.46
CA ALA A 50 6.93 4.76 -12.99
C ALA A 50 7.08 3.37 -13.57
N PRO A 51 7.09 2.36 -12.72
CA PRO A 51 7.19 1.01 -13.29
C PRO A 51 5.95 0.57 -14.05
N GLU A 52 4.81 1.17 -13.74
CA GLU A 52 3.53 0.88 -14.37
C GLU A 52 2.88 2.21 -14.74
N GLY A 53 2.45 2.31 -15.98
CA GLY A 53 1.76 3.53 -16.40
C GLY A 53 2.71 4.70 -16.24
N ASN A 54 2.12 5.82 -15.84
CA ASN A 54 2.74 7.10 -15.79
C ASN A 54 2.83 7.62 -14.35
N LYS A 55 2.23 6.92 -13.38
CA LYS A 55 2.09 7.48 -12.04
C LYS A 55 2.51 6.52 -10.96
N VAL A 56 2.99 7.09 -9.85
CA VAL A 56 3.29 6.32 -8.63
C VAL A 56 2.71 7.05 -7.42
N LEU A 57 2.63 6.35 -6.29
CA LEU A 57 2.31 6.98 -5.01
C LEU A 57 3.59 7.14 -4.23
N ALA A 58 3.81 8.35 -3.75
CA ALA A 58 4.94 8.73 -2.91
C ALA A 58 4.42 9.04 -1.50
N VAL A 59 5.11 8.49 -0.51
CA VAL A 59 4.77 8.70 0.90
C VAL A 59 5.99 9.29 1.58
N THR A 60 5.97 10.57 1.88
CA THR A 60 7.08 11.21 2.58
C THR A 60 6.79 11.20 4.07
N VAL A 61 7.68 10.54 4.80
CA VAL A 61 7.54 10.31 6.23
C VAL A 61 8.38 11.33 6.98
N ASN A 62 7.69 12.08 7.83
CA ASN A 62 8.28 13.16 8.63
C ASN A 62 8.32 12.84 10.11
N GLY A 63 7.78 11.71 10.50
CA GLY A 63 7.58 11.40 11.91
C GLY A 63 6.70 10.16 11.93
N VAL A 64 6.68 9.54 13.09
CA VAL A 64 5.91 8.30 13.26
C VAL A 64 5.05 8.40 14.51
N GLY A 65 4.22 7.37 14.68
CA GLY A 65 3.34 7.27 15.83
C GLY A 65 3.78 6.19 16.79
N ASN A 66 2.88 5.31 17.17
CA ASN A 66 3.11 4.24 18.15
C ASN A 66 3.09 2.85 17.53
N ASN A 67 2.53 2.69 16.34
CA ASN A 67 2.41 1.42 15.66
C ASN A 67 2.67 1.63 14.17
N PRO A 68 3.23 0.66 13.47
CA PRO A 68 3.57 0.93 12.07
C PRO A 68 2.38 1.31 11.18
N PHE A 69 1.18 0.84 11.52
CA PHE A 69 0.03 1.12 10.70
C PHE A 69 -0.50 2.52 10.93
N ASN A 70 0.11 3.28 11.86
CA ASN A 70 -0.37 4.66 12.02
C ASN A 70 -0.05 5.52 10.81
N ILE A 71 0.79 5.08 9.88
CA ILE A 71 0.83 5.62 8.53
C ILE A 71 0.59 4.45 7.57
N GLN A 72 -0.53 4.50 6.84
CA GLN A 72 -0.82 3.33 5.99
C GLN A 72 -1.57 3.75 4.74
N ALA A 73 -1.39 2.92 3.73
CA ALA A 73 -2.15 2.99 2.48
C ALA A 73 -2.75 1.59 2.27
N THR A 74 -4.09 1.53 2.25
CA THR A 74 -4.69 0.21 2.15
CA THR A 74 -4.82 0.28 2.22
C THR A 74 -5.59 0.15 0.91
N ALA A 75 -5.33 -0.88 0.12
CA ALA A 75 -6.15 -1.13 -1.05
C ALA A 75 -7.51 -1.70 -0.59
N LEU A 76 -8.57 -1.10 -1.05
CA LEU A 76 -9.94 -1.39 -0.65
CA LEU A 76 -9.92 -1.56 -0.74
C LEU A 76 -10.88 -0.88 -1.72
N PRO A 77 -11.85 -1.66 -2.16
CA PRO A 77 -12.08 -3.07 -1.89
C PRO A 77 -11.08 -3.93 -2.66
N VAL A 78 -10.84 -5.13 -2.13
CA VAL A 78 -10.15 -6.21 -2.82
C VAL A 78 -11.13 -7.37 -2.95
N ASN A 79 -11.56 -7.67 -4.16
CA ASN A 79 -12.63 -8.62 -4.40
C ASN A 79 -12.06 -10.03 -4.58
N VAL A 80 -12.43 -10.93 -3.70
CA VAL A 80 -11.88 -12.27 -3.64
C VAL A 80 -13.00 -13.30 -3.48
N ARG A 81 -12.58 -14.55 -3.43
CA ARG A 81 -13.45 -15.69 -3.23
C ARG A 81 -12.95 -16.57 -2.09
N PRO A 82 -13.85 -17.06 -1.24
CA PRO A 82 -13.42 -17.95 -0.14
C PRO A 82 -12.59 -19.13 -0.62
N GLY A 83 -11.50 -19.37 0.08
CA GLY A 83 -10.66 -20.54 -0.12
C GLY A 83 -9.61 -20.43 -1.18
N VAL A 84 -9.69 -19.35 -1.95
CA VAL A 84 -8.77 -19.19 -3.08
C VAL A 84 -7.45 -18.64 -2.59
N THR A 85 -6.37 -19.07 -3.27
CA THR A 85 -5.04 -18.56 -3.04
C THR A 85 -4.73 -17.50 -4.10
N TYR A 86 -4.10 -16.43 -3.69
CA TYR A 86 -3.78 -15.25 -4.46
C TYR A 86 -2.27 -14.98 -4.37
N THR A 87 -1.76 -14.42 -5.44
CA THR A 87 -0.43 -13.84 -5.44
CA THR A 87 -0.41 -13.85 -5.43
C THR A 87 -0.56 -12.33 -5.35
N TYR A 88 0.20 -11.77 -4.42
CA TYR A 88 0.34 -10.34 -4.23
C TYR A 88 1.68 -9.95 -4.83
N THR A 89 1.67 -8.91 -5.64
CA THR A 89 2.90 -8.31 -6.10
C THR A 89 2.78 -6.78 -6.08
N ILE A 90 3.84 -6.11 -5.68
CA ILE A 90 3.88 -4.64 -5.73
C ILE A 90 5.35 -4.27 -6.00
N ARG A 91 5.54 -3.07 -6.52
CA ARG A 91 6.88 -2.52 -6.69
C ARG A 91 7.09 -1.39 -5.69
N ALA A 92 8.30 -1.29 -5.16
CA ALA A 92 8.63 -0.24 -4.21
C ALA A 92 10.10 0.18 -4.32
N ARG A 93 10.34 1.44 -3.98
CA ARG A 93 11.71 1.96 -3.83
C ARG A 93 11.64 3.16 -2.89
N ALA A 94 12.76 3.72 -2.50
CA ALA A 94 12.82 4.85 -1.61
C ALA A 94 13.84 5.88 -2.06
N GLU A 95 13.66 7.11 -1.58
CA GLU A 95 14.55 8.21 -1.92
C GLU A 95 15.93 8.06 -1.31
N GLN A 96 16.01 7.49 -0.14
CA GLN A 96 17.20 7.28 0.64
C GLN A 96 17.33 5.81 1.05
N ASP A 97 18.56 5.42 1.41
CA ASP A 97 18.74 4.11 1.97
C ASP A 97 17.99 3.99 3.30
N GLY A 98 17.62 2.74 3.63
CA GLY A 98 17.15 2.33 4.89
C GLY A 98 15.70 2.25 5.20
N ALA A 99 14.87 2.24 4.17
CA ALA A 99 13.43 2.23 4.41
C ALA A 99 12.95 0.82 4.71
N VAL A 100 11.84 0.79 5.46
CA VAL A 100 11.24 -0.45 5.95
C VAL A 100 9.75 -0.34 5.68
N VAL A 101 9.14 -1.32 5.06
CA VAL A 101 7.70 -1.35 4.82
C VAL A 101 7.16 -2.75 5.06
N SER A 102 5.96 -2.84 5.59
CA SER A 102 5.29 -4.14 5.63
C SER A 102 4.08 -4.11 4.70
N PHE A 103 3.99 -5.18 3.91
CA PHE A 103 2.92 -5.28 2.91
C PHE A 103 1.95 -6.36 3.38
N THR A 104 0.71 -6.01 3.71
CA THR A 104 -0.17 -6.96 4.35
C THR A 104 -1.51 -7.09 3.65
N VAL A 105 -2.22 -8.14 3.93
CA VAL A 105 -3.59 -8.32 3.44
CA VAL A 105 -3.56 -8.39 3.42
C VAL A 105 -4.39 -8.94 4.56
N GLY A 106 -5.61 -8.46 4.75
CA GLY A 106 -6.48 -8.91 5.81
C GLY A 106 -7.94 -8.68 5.48
N ASN A 107 -8.79 -9.07 6.42
CA ASN A 107 -10.24 -8.89 6.23
C ASN A 107 -10.75 -7.64 6.96
N GLN A 108 -12.06 -7.38 6.80
CA GLN A 108 -12.66 -6.18 7.36
C GLN A 108 -12.69 -6.29 8.87
N SER A 109 -12.52 -7.52 9.37
CA SER A 109 -12.39 -7.77 10.81
C SER A 109 -10.97 -7.58 11.31
N LEU A 110 -10.05 -7.15 10.49
CA LEU A 110 -8.66 -6.84 10.77
C LEU A 110 -7.77 -8.05 10.98
N ASP A 111 -8.32 -9.22 10.69
CA ASP A 111 -7.59 -10.47 10.68
C ASP A 111 -6.63 -10.49 9.48
N GLU A 112 -5.33 -10.71 9.67
CA GLU A 112 -4.43 -10.79 8.52
C GLU A 112 -4.31 -12.20 7.97
N TYR A 113 -4.44 -12.30 6.64
CA TYR A 113 -4.19 -13.54 6.00
C TYR A 113 -2.70 -13.75 5.73
N GLY A 114 -1.94 -12.69 5.61
CA GLY A 114 -0.51 -12.86 5.36
C GLY A 114 0.16 -11.51 5.17
N ARG A 115 1.49 -11.52 5.17
CA ARG A 115 2.22 -10.30 4.97
C ARG A 115 3.67 -10.62 4.53
N LEU A 116 4.29 -9.57 3.98
CA LEU A 116 5.71 -9.43 3.89
C LEU A 116 6.10 -8.42 5.00
N HIS A 117 6.92 -8.91 5.92
CA HIS A 117 7.25 -8.24 7.16
C HIS A 117 8.60 -7.56 7.11
N HIS A 118 8.79 -6.34 7.46
CA HIS A 118 9.85 -5.40 7.55
C HIS A 118 10.70 -5.58 6.29
N GLN A 119 10.06 -5.40 5.15
CA GLN A 119 10.81 -5.49 3.91
C GLN A 119 11.75 -4.30 3.83
N GLN A 120 12.93 -4.62 3.31
CA GLN A 120 14.04 -3.71 3.14
C GLN A 120 13.92 -3.04 1.80
N ILE A 121 13.51 -1.79 1.82
CA ILE A 121 13.26 -1.07 0.58
C ILE A 121 14.55 -0.34 0.22
N THR A 122 14.94 -0.42 -1.03
CA THR A 122 16.19 0.16 -1.50
C THR A 122 15.87 1.36 -2.40
N THR A 123 16.94 1.99 -2.89
CA THR A 123 16.79 3.15 -3.74
C THR A 123 16.41 2.75 -5.15
N GLU A 124 16.39 1.48 -5.50
CA GLU A 124 16.01 0.98 -6.82
C GLU A 124 14.67 0.27 -6.78
N TRP A 125 13.87 0.39 -7.81
CA TRP A 125 12.63 -0.38 -7.83
C TRP A 125 12.91 -1.88 -7.69
N GLN A 126 12.15 -2.50 -6.82
CA GLN A 126 12.12 -3.96 -6.72
C GLN A 126 10.70 -4.45 -6.60
N PRO A 127 10.44 -5.68 -7.05
CA PRO A 127 9.15 -6.29 -6.79
C PRO A 127 9.18 -7.00 -5.44
N PHE A 128 8.08 -6.96 -4.73
CA PHE A 128 7.83 -7.62 -3.46
C PHE A 128 6.60 -8.49 -3.67
N THR A 129 6.73 -9.80 -3.45
CA THR A 129 5.61 -10.69 -3.74
CA THR A 129 5.65 -10.72 -3.77
C THR A 129 5.46 -11.75 -2.67
N PHE A 130 4.22 -12.15 -2.47
CA PHE A 130 3.92 -13.25 -1.53
C PHE A 130 2.56 -13.83 -1.92
N GLU A 131 2.26 -15.01 -1.39
CA GLU A 131 0.98 -15.69 -1.60
C GLU A 131 0.19 -15.66 -0.31
N PHE A 132 -1.12 -15.61 -0.47
CA PHE A 132 -1.97 -15.74 0.71
C PHE A 132 -3.23 -16.48 0.30
N THR A 133 -3.90 -17.08 1.25
CA THR A 133 -5.16 -17.78 1.04
C THR A 133 -6.27 -17.14 1.86
N VAL A 134 -7.44 -16.97 1.21
CA VAL A 134 -8.62 -16.47 1.90
C VAL A 134 -9.17 -17.66 2.66
N SER A 135 -8.77 -17.78 3.93
CA SER A 135 -9.04 -18.94 4.76
C SER A 135 -10.40 -18.92 5.48
N ASP A 136 -11.20 -17.89 5.23
CA ASP A 136 -12.53 -17.76 5.81
C ASP A 136 -13.55 -17.57 4.69
N GLN A 137 -14.72 -16.98 4.93
CA GLN A 137 -15.79 -16.85 3.95
C GLN A 137 -15.95 -15.43 3.44
N GLU A 138 -14.92 -14.59 3.54
CA GLU A 138 -14.98 -13.24 3.04
C GLU A 138 -14.83 -13.18 1.52
N THR A 139 -15.46 -12.15 0.98
CA THR A 139 -15.30 -11.86 -0.43
CA THR A 139 -15.41 -11.83 -0.44
C THR A 139 -14.85 -10.44 -0.71
N VAL A 140 -14.86 -9.55 0.28
CA VAL A 140 -14.34 -8.19 0.09
C VAL A 140 -13.32 -7.94 1.20
N ILE A 141 -12.06 -7.88 0.85
CA ILE A 141 -10.99 -7.77 1.84
C ILE A 141 -10.23 -6.47 1.59
N ARG A 142 -9.08 -6.33 2.25
CA ARG A 142 -8.31 -5.11 2.20
C ARG A 142 -6.83 -5.44 2.24
N ALA A 143 -6.01 -4.49 1.77
CA ALA A 143 -4.57 -4.72 1.68
C ALA A 143 -3.76 -3.55 2.28
N PRO A 144 -3.65 -3.50 3.61
CA PRO A 144 -2.90 -2.43 4.26
C PRO A 144 -1.39 -2.51 4.07
N ILE A 145 -0.80 -1.42 3.61
CA ILE A 145 0.64 -1.23 3.54
C ILE A 145 1.06 -0.30 4.69
N HIS A 146 1.99 -0.74 5.51
CA HIS A 146 2.36 0.03 6.71
C HIS A 146 3.67 0.75 6.50
N PHE A 147 3.69 2.06 6.65
CA PHE A 147 4.85 2.89 6.47
C PHE A 147 5.37 3.56 7.72
N GLY A 148 4.69 3.40 8.85
CA GLY A 148 5.05 4.11 10.07
C GLY A 148 6.18 3.55 10.88
N TYR A 149 7.28 3.16 10.23
CA TYR A 149 8.51 2.73 10.88
C TYR A 149 9.45 3.90 11.12
N ALA A 150 10.04 3.93 12.31
CA ALA A 150 10.96 5.02 12.65
C ALA A 150 12.09 5.17 11.66
N ALA A 151 12.49 4.07 11.06
CA ALA A 151 13.64 4.14 10.15
C ALA A 151 13.31 4.92 8.88
N ASN A 152 12.04 5.21 8.67
CA ASN A 152 11.61 5.91 7.45
C ASN A 152 11.59 7.42 7.64
N VAL A 153 11.78 7.95 8.81
CA VAL A 153 11.76 9.40 9.04
C VAL A 153 12.81 10.05 8.17
N GLY A 154 12.36 11.04 7.40
CA GLY A 154 13.31 11.66 6.49
C GLY A 154 13.47 11.04 5.11
N ASN A 155 12.62 10.06 4.83
CA ASN A 155 12.59 9.34 3.57
C ASN A 155 11.23 9.52 2.90
N THR A 156 11.27 9.23 1.60
CA THR A 156 10.08 9.11 0.78
C THR A 156 10.05 7.70 0.19
N ILE A 157 8.93 7.00 0.36
CA ILE A 157 8.76 5.67 -0.16
C ILE A 157 7.79 5.74 -1.33
N TYR A 158 8.16 5.13 -2.43
CA TYR A 158 7.37 5.11 -3.63
C TYR A 158 6.82 3.69 -3.86
N ILE A 159 5.53 3.61 -4.17
CA ILE A 159 4.96 2.32 -4.52
C ILE A 159 4.20 2.43 -5.84
N ASP A 160 4.12 1.30 -6.52
CA ASP A 160 3.37 1.21 -7.75
C ASP A 160 3.05 -0.25 -8.07
N GLY A 161 2.03 -0.40 -8.92
CA GLY A 161 1.69 -1.66 -9.53
C GLY A 161 1.32 -2.75 -8.57
N LEU A 162 0.44 -2.42 -7.60
CA LEU A 162 -0.15 -3.47 -6.79
C LEU A 162 -1.04 -4.35 -7.67
N ALA A 163 -0.76 -5.65 -7.66
CA ALA A 163 -1.58 -6.62 -8.42
C ALA A 163 -1.82 -7.85 -7.52
N ILE A 164 -3.08 -8.08 -7.19
CA ILE A 164 -3.50 -9.24 -6.44
C ILE A 164 -4.27 -10.13 -7.40
N VAL A 165 -3.68 -11.29 -7.68
CA VAL A 165 -4.03 -12.19 -8.78
CA VAL A 165 -4.17 -12.13 -8.78
C VAL A 165 -4.45 -13.55 -8.29
N ASP A 166 -5.46 -14.24 -8.81
N ASP A 166 -5.55 -14.06 -8.81
CA ASP A 166 -5.66 -15.64 -8.47
CA ASP A 166 -6.15 -15.34 -8.50
C ASP A 166 -4.37 -16.47 -8.70
C ASP A 166 -5.33 -16.43 -9.17
#